data_6KVZ
#
_entry.id   6KVZ
#
_cell.length_a   87.415
_cell.length_b   111.423
_cell.length_c   60.352
_cell.angle_alpha   90.000
_cell.angle_beta   90.000
_cell.angle_gamma   90.000
#
_symmetry.space_group_name_H-M   'P 21 21 2'
#
loop_
_entity.id
_entity.type
_entity.pdbx_description
1 polymer Sulfurtransferase
2 non-polymer N,N,N-trimethyl-histidine
3 non-polymer 'MAGNESIUM ION'
4 non-polymer 'CHLORIDE ION'
5 non-polymer DI(HYDROXYETHYL)ETHER
6 water water
#
_entity_poly.entity_id   1
_entity_poly.type   'polypeptide(L)'
_entity_poly.pdbx_seq_one_letter_code
;GSEFQNKNFRAPQSEAIGILYKLIETGSKHKNMYDHTEITTDSLLALLGSEKVKIIDVRSADAYNGWRMRGEVRGGHIKG
AKSLPAKWLTDPEWLNIVRFKQIRPEDAIVLYGYTPEECEQTATRFKENGYNNVSVFHRFHPDWTGNDAFPMDRLEQYNR
LVPAEWVNGLISGEEIPEYDNDTFIVCHAHYRNRDAYLSGHIPGATDMDTLALESPETWNRRTPEELKKALEEHGITAST
TVVLYGKFMHPDNADEFPGSAAGHIGAIRLAFIMMYAGVEDVRVLNGGYQSWTDAGFAISKDDVPKTTVPEFGAPIPSRP
EFAVDIDEAKEMLQSEDSDLVCVRSYPEYIGEVSGYNYIKKKGRIPGAIFAECGSDAYHMENYRNHDHTTREYHEIEDIW
AKSGIIPKKHLAFY(CSS)GVGWRGSEAWFNALLMGWPRVSVYDGGWFEWSNDPENPYETGVPK
;
_entity_poly.pdbx_strand_id   A
#
loop_
_chem_comp.id
_chem_comp.type
_chem_comp.name
_chem_comp.formula
AVJ non-polymer N,N,N-trimethyl-histidine 'C9 H16 N3 O2 1'
CL non-polymer 'CHLORIDE ION' 'Cl -1'
MG non-polymer 'MAGNESIUM ION' 'Mg 2'
PEG non-polymer DI(HYDROXYETHYL)ETHER 'C4 H10 O3'
#
# COMPACT_ATOMS: atom_id res chain seq x y z
N HIS A 30 -39.60 9.37 -8.71
CA HIS A 30 -39.28 8.55 -9.88
C HIS A 30 -38.68 7.21 -9.46
N LYS A 31 -37.50 7.26 -8.86
CA LYS A 31 -36.77 6.06 -8.47
C LYS A 31 -37.39 5.42 -7.23
N ASN A 32 -37.02 4.17 -6.99
CA ASN A 32 -37.30 3.48 -5.74
C ASN A 32 -35.99 3.34 -4.98
N MET A 33 -35.93 3.93 -3.79
CA MET A 33 -34.70 3.91 -3.00
C MET A 33 -34.28 2.51 -2.59
N TYR A 34 -35.19 1.53 -2.62
CA TYR A 34 -34.93 0.23 -2.02
C TYR A 34 -35.17 -0.95 -2.95
N ASP A 35 -35.65 -0.73 -4.17
CA ASP A 35 -35.78 -1.78 -5.18
C ASP A 35 -34.94 -1.40 -6.38
N HIS A 36 -33.93 -2.22 -6.67
CA HIS A 36 -32.91 -1.87 -7.66
C HIS A 36 -33.03 -2.77 -8.88
N THR A 37 -32.84 -2.16 -10.05
CA THR A 37 -32.89 -2.91 -11.30
C THR A 37 -31.74 -3.90 -11.38
N GLU A 38 -32.05 -5.11 -11.84
CA GLU A 38 -31.02 -6.11 -12.11
C GLU A 38 -30.57 -5.97 -13.55
N ILE A 39 -29.26 -5.96 -13.77
CA ILE A 39 -28.67 -5.98 -15.10
C ILE A 39 -28.16 -7.39 -15.36
N THR A 40 -28.47 -7.92 -16.54
CA THR A 40 -28.11 -9.28 -16.87
C THR A 40 -26.64 -9.37 -17.27
N THR A 41 -26.13 -10.61 -17.32
CA THR A 41 -24.76 -10.84 -17.77
C THR A 41 -24.57 -10.39 -19.21
N ASP A 42 -25.55 -10.66 -20.07
CA ASP A 42 -25.44 -10.24 -21.47
C ASP A 42 -25.39 -8.72 -21.59
N SER A 43 -26.26 -8.02 -20.84
CA SER A 43 -26.27 -6.56 -20.90
C SER A 43 -24.94 -5.99 -20.40
N LEU A 44 -24.41 -6.53 -19.30
CA LEU A 44 -23.15 -6.02 -18.76
C LEU A 44 -22.00 -6.28 -19.72
N LEU A 45 -21.98 -7.46 -20.34
CA LEU A 45 -20.96 -7.76 -21.34
C LEU A 45 -20.96 -6.72 -22.45
N ALA A 46 -22.14 -6.30 -22.90
CA ALA A 46 -22.25 -5.32 -23.97
C ALA A 46 -21.84 -3.92 -23.53
N LEU A 47 -21.74 -3.67 -22.23
CA LEU A 47 -21.46 -2.34 -21.72
C LEU A 47 -20.03 -2.21 -21.18
N LEU A 48 -19.20 -3.23 -21.34
CA LEU A 48 -17.87 -3.22 -20.72
C LEU A 48 -17.02 -2.07 -21.22
N GLY A 49 -17.17 -1.67 -22.47
CA GLY A 49 -16.37 -0.59 -23.01
C GLY A 49 -17.02 0.77 -22.98
N SER A 50 -18.21 0.90 -22.39
CA SER A 50 -18.93 2.16 -22.41
C SER A 50 -18.30 3.17 -21.45
N GLU A 51 -18.05 4.39 -21.95
CA GLU A 51 -17.55 5.46 -21.11
C GLU A 51 -18.62 6.02 -20.18
N LYS A 52 -19.89 5.75 -20.46
CA LYS A 52 -20.99 6.23 -19.64
C LYS A 52 -21.34 5.29 -18.49
N VAL A 53 -20.62 4.17 -18.35
CA VAL A 53 -20.93 3.15 -17.36
C VAL A 53 -19.78 3.03 -16.39
N LYS A 54 -20.10 2.99 -15.09
CA LYS A 54 -19.12 2.79 -14.04
C LYS A 54 -19.47 1.48 -13.32
N ILE A 55 -18.59 0.48 -13.44
CA ILE A 55 -18.77 -0.79 -12.77
C ILE A 55 -18.07 -0.73 -11.42
N ILE A 56 -18.81 -1.00 -10.36
CA ILE A 56 -18.34 -0.77 -8.98
C ILE A 56 -18.32 -2.10 -8.24
N ASP A 57 -17.12 -2.51 -7.82
CA ASP A 57 -16.93 -3.72 -7.04
C ASP A 57 -17.04 -3.36 -5.55
N VAL A 58 -18.11 -3.84 -4.90
CA VAL A 58 -18.35 -3.48 -3.50
C VAL A 58 -17.71 -4.44 -2.51
N ARG A 59 -16.98 -5.44 -2.99
CA ARG A 59 -16.29 -6.35 -2.08
C ARG A 59 -15.09 -5.65 -1.44
N SER A 60 -14.36 -6.39 -0.61
CA SER A 60 -13.17 -5.83 0.02
C SER A 60 -12.11 -5.55 -1.03
N ALA A 61 -11.26 -4.56 -0.75
CA ALA A 61 -10.18 -4.20 -1.66
C ALA A 61 -9.25 -5.38 -1.91
N ASP A 62 -9.10 -6.27 -0.91
CA ASP A 62 -8.23 -7.42 -1.08
C ASP A 62 -8.82 -8.42 -2.07
N ALA A 63 -10.13 -8.62 -2.05
CA ALA A 63 -10.77 -9.43 -3.08
C ALA A 63 -10.65 -8.76 -4.45
N TYR A 64 -10.82 -7.44 -4.49
CA TYR A 64 -10.66 -6.69 -5.73
C TYR A 64 -9.25 -6.88 -6.29
N ASN A 65 -8.25 -6.93 -5.42
CA ASN A 65 -6.87 -7.08 -5.87
C ASN A 65 -6.57 -8.48 -6.41
N GLY A 66 -7.39 -9.47 -6.04
CA GLY A 66 -7.17 -10.81 -6.57
C GLY A 66 -7.34 -11.93 -5.57
N TRP A 67 -7.39 -11.60 -4.28
CA TRP A 67 -7.57 -12.64 -3.27
C TRP A 67 -8.91 -13.35 -3.47
N ARG A 68 -8.87 -14.68 -3.49
CA ARG A 68 -10.05 -15.50 -3.74
C ARG A 68 -10.74 -15.81 -2.42
N MET A 69 -11.41 -14.77 -1.90
CA MET A 69 -11.90 -14.78 -0.52
C MET A 69 -13.05 -15.75 -0.30
N ARG A 70 -13.77 -16.15 -1.35
CA ARG A 70 -14.83 -17.14 -1.23
CA ARG A 70 -14.83 -17.14 -1.23
C ARG A 70 -14.47 -18.45 -1.90
N GLY A 71 -13.20 -18.66 -2.23
CA GLY A 71 -12.78 -19.88 -2.89
C GLY A 71 -13.02 -19.92 -4.38
N GLU A 72 -13.33 -18.77 -5.00
CA GLU A 72 -13.49 -18.73 -6.45
C GLU A 72 -12.19 -19.13 -7.13
N VAL A 73 -12.31 -19.76 -8.30
CA VAL A 73 -11.13 -20.22 -9.02
C VAL A 73 -10.36 -19.04 -9.61
N ARG A 74 -11.07 -18.07 -10.17
CA ARG A 74 -10.47 -16.85 -10.68
C ARG A 74 -10.81 -15.70 -9.73
N GLY A 75 -9.79 -15.10 -9.12
CA GLY A 75 -9.96 -13.94 -8.29
C GLY A 75 -9.72 -12.64 -9.06
N GLY A 76 -10.06 -11.54 -8.39
CA GLY A 76 -9.94 -10.22 -8.99
C GLY A 76 -11.29 -9.61 -9.29
N HIS A 77 -11.27 -8.62 -10.18
CA HIS A 77 -12.46 -7.84 -10.48
C HIS A 77 -12.80 -7.92 -11.96
N ILE A 78 -14.06 -7.59 -12.27
CA ILE A 78 -14.47 -7.41 -13.66
C ILE A 78 -13.58 -6.35 -14.30
N LYS A 79 -13.08 -6.65 -15.50
CA LYS A 79 -12.17 -5.73 -16.17
C LYS A 79 -12.82 -4.37 -16.35
N GLY A 80 -12.12 -3.32 -15.89
CA GLY A 80 -12.63 -1.97 -15.95
C GLY A 80 -13.41 -1.53 -14.73
N ALA A 81 -13.66 -2.42 -13.78
CA ALA A 81 -14.41 -2.06 -12.60
C ALA A 81 -13.55 -1.26 -11.63
N LYS A 82 -14.21 -0.38 -10.87
CA LYS A 82 -13.56 0.34 -9.79
C LYS A 82 -13.89 -0.32 -8.47
N SER A 83 -13.08 -0.01 -7.45
CA SER A 83 -13.22 -0.57 -6.13
C SER A 83 -13.91 0.43 -5.21
N LEU A 84 -15.01 -0.01 -4.58
CA LEU A 84 -15.70 0.80 -3.57
C LEU A 84 -16.26 -0.15 -2.52
N PRO A 85 -15.44 -0.58 -1.57
CA PRO A 85 -15.89 -1.58 -0.59
C PRO A 85 -17.10 -1.10 0.20
N ALA A 86 -18.10 -1.98 0.32
CA ALA A 86 -19.28 -1.68 1.13
C ALA A 86 -18.94 -1.33 2.56
N LYS A 87 -17.79 -1.79 3.05
CA LYS A 87 -17.33 -1.43 4.39
C LYS A 87 -17.27 0.07 4.59
N TRP A 88 -16.98 0.84 3.53
CA TRP A 88 -16.86 2.28 3.62
C TRP A 88 -18.20 2.99 3.79
N LEU A 89 -19.33 2.27 3.78
CA LEU A 89 -20.62 2.93 3.88
C LEU A 89 -20.81 3.61 5.24
N THR A 90 -20.11 3.14 6.28
CA THR A 90 -20.17 3.78 7.59
C THR A 90 -19.30 5.02 7.68
N ASP A 91 -18.45 5.27 6.68
CA ASP A 91 -17.60 6.46 6.66
C ASP A 91 -18.43 7.70 6.36
N PRO A 92 -18.39 8.73 7.22
CA PRO A 92 -19.15 9.95 6.92
C PRO A 92 -18.70 10.67 5.67
N GLU A 93 -17.47 10.44 5.21
CA GLU A 93 -16.96 11.06 3.98
C GLU A 93 -17.25 10.21 2.74
N TRP A 94 -18.24 9.32 2.82
CA TRP A 94 -18.49 8.37 1.72
C TRP A 94 -18.75 9.09 0.41
N LEU A 95 -19.54 10.16 0.44
CA LEU A 95 -19.89 10.85 -0.80
C LEU A 95 -18.67 11.53 -1.42
N ASN A 96 -17.77 12.07 -0.59
CA ASN A 96 -16.55 12.67 -1.12
C ASN A 96 -15.65 11.63 -1.74
N ILE A 97 -15.59 10.43 -1.15
CA ILE A 97 -14.81 9.34 -1.75
C ILE A 97 -15.33 9.02 -3.14
N VAL A 98 -16.66 8.94 -3.27
CA VAL A 98 -17.27 8.66 -4.57
C VAL A 98 -16.93 9.77 -5.57
N ARG A 99 -17.06 11.02 -5.14
CA ARG A 99 -16.79 12.15 -6.03
C ARG A 99 -15.31 12.22 -6.38
N PHE A 100 -14.43 11.95 -5.41
CA PHE A 100 -13.00 11.93 -5.69
C PHE A 100 -12.65 10.85 -6.72
N LYS A 101 -13.42 9.76 -6.75
CA LYS A 101 -13.26 8.74 -7.77
C LYS A 101 -13.95 9.09 -9.09
N GLN A 102 -14.48 10.31 -9.19
CA GLN A 102 -15.11 10.81 -10.42
C GLN A 102 -16.29 9.96 -10.86
N ILE A 103 -16.98 9.36 -9.90
CA ILE A 103 -18.25 8.68 -10.14
C ILE A 103 -19.35 9.73 -10.04
N ARG A 104 -20.04 9.98 -11.16
CA ARG A 104 -20.93 11.13 -11.31
C ARG A 104 -22.39 10.70 -11.41
N PRO A 105 -23.33 11.55 -10.98
CA PRO A 105 -24.75 11.19 -11.09
C PRO A 105 -25.20 10.89 -12.50
N GLU A 106 -24.58 11.49 -13.52
CA GLU A 106 -24.98 11.20 -14.89
C GLU A 106 -24.41 9.89 -15.40
N ASP A 107 -23.54 9.23 -14.65
CA ASP A 107 -23.05 7.92 -15.04
C ASP A 107 -24.11 6.85 -14.78
N ALA A 108 -24.03 5.77 -15.56
CA ALA A 108 -24.80 4.57 -15.27
C ALA A 108 -24.00 3.71 -14.31
N ILE A 109 -24.52 3.51 -13.09
CA ILE A 109 -23.81 2.78 -12.06
C ILE A 109 -24.24 1.32 -12.08
N VAL A 110 -23.26 0.42 -12.17
CA VAL A 110 -23.50 -1.02 -12.10
C VAL A 110 -22.70 -1.55 -10.92
N LEU A 111 -23.40 -2.07 -9.92
CA LEU A 111 -22.78 -2.61 -8.73
C LEU A 111 -22.73 -4.13 -8.80
N TYR A 112 -21.69 -4.71 -8.18
CA TYR A 112 -21.62 -6.15 -8.02
C TYR A 112 -20.78 -6.46 -6.79
N GLY A 113 -21.11 -7.59 -6.16
CA GLY A 113 -20.34 -8.11 -5.05
C GLY A 113 -20.28 -9.61 -5.16
N TYR A 114 -19.92 -10.29 -4.07
CA TYR A 114 -20.02 -11.75 -4.07
C TYR A 114 -21.46 -12.20 -4.23
N THR A 115 -22.40 -11.44 -3.70
CA THR A 115 -23.83 -11.65 -3.86
C THR A 115 -24.49 -10.31 -4.18
N PRO A 116 -25.62 -10.33 -4.88
CA PRO A 116 -26.37 -9.07 -5.08
C PRO A 116 -26.89 -8.48 -3.79
N GLU A 117 -27.08 -9.29 -2.74
CA GLU A 117 -27.55 -8.75 -1.47
C GLU A 117 -26.54 -7.81 -0.84
N GLU A 118 -25.25 -8.07 -1.05
CA GLU A 118 -24.20 -7.17 -0.55
C GLU A 118 -24.17 -5.84 -1.28
N CYS A 119 -24.86 -5.72 -2.41
CA CYS A 119 -24.91 -4.49 -3.17
C CYS A 119 -26.10 -3.61 -2.82
N GLU A 120 -27.06 -4.11 -2.03
CA GLU A 120 -28.31 -3.40 -1.84
C GLU A 120 -28.11 -2.10 -1.07
N GLN A 121 -27.34 -2.15 0.02
CA GLN A 121 -27.11 -0.93 0.80
C GLN A 121 -26.33 0.10 -0.01
N THR A 122 -25.33 -0.35 -0.76
CA THR A 122 -24.59 0.58 -1.61
C THR A 122 -25.50 1.22 -2.66
N ALA A 123 -26.36 0.40 -3.29
CA ALA A 123 -27.30 0.93 -4.28
C ALA A 123 -28.20 1.99 -3.67
N THR A 124 -28.76 1.71 -2.49
CA THR A 124 -29.60 2.70 -1.81
C THR A 124 -28.81 3.96 -1.49
N ARG A 125 -27.57 3.80 -1.03
CA ARG A 125 -26.75 4.97 -0.68
C ARG A 125 -26.51 5.86 -1.89
N PHE A 126 -26.28 5.25 -3.06
CA PHE A 126 -26.13 6.05 -4.28
C PHE A 126 -27.40 6.80 -4.61
N LYS A 127 -28.55 6.12 -4.54
CA LYS A 127 -29.82 6.74 -4.88
C LYS A 127 -30.17 7.85 -3.90
N GLU A 128 -29.83 7.68 -2.62
CA GLU A 128 -30.08 8.72 -1.63
C GLU A 128 -29.29 9.97 -1.91
N ASN A 129 -28.18 9.88 -2.64
CA ASN A 129 -27.33 11.02 -2.94
C ASN A 129 -27.52 11.54 -4.37
N GLY A 130 -28.64 11.21 -5.01
CA GLY A 130 -28.96 11.78 -6.30
C GLY A 130 -28.41 11.04 -7.51
N TYR A 131 -28.05 9.76 -7.36
CA TYR A 131 -27.62 8.93 -8.49
C TYR A 131 -28.83 8.13 -8.94
N ASN A 132 -29.41 8.50 -10.09
CA ASN A 132 -30.67 7.94 -10.55
C ASN A 132 -30.53 6.71 -11.41
N ASN A 133 -29.34 6.42 -11.93
CA ASN A 133 -29.12 5.28 -12.81
C ASN A 133 -28.23 4.28 -12.08
N VAL A 134 -28.86 3.39 -11.31
CA VAL A 134 -28.14 2.42 -10.48
C VAL A 134 -28.74 1.04 -10.72
N SER A 135 -27.88 0.08 -11.07
CA SER A 135 -28.29 -1.30 -11.28
C SER A 135 -27.37 -2.22 -10.48
N VAL A 136 -27.84 -3.44 -10.26
CA VAL A 136 -27.10 -4.45 -9.52
C VAL A 136 -26.90 -5.66 -10.42
N PHE A 137 -25.65 -6.13 -10.53
CA PHE A 137 -25.32 -7.33 -11.28
C PHE A 137 -25.27 -8.51 -10.32
N HIS A 138 -26.13 -9.49 -10.54
CA HIS A 138 -26.29 -10.60 -9.60
C HIS A 138 -25.33 -11.75 -9.83
N ARG A 139 -24.70 -11.82 -11.00
CA ARG A 139 -24.01 -13.04 -11.42
C ARG A 139 -22.51 -12.85 -11.57
N PHE A 140 -21.88 -12.10 -10.65
CA PHE A 140 -20.42 -12.03 -10.67
C PHE A 140 -19.80 -13.34 -10.22
N HIS A 141 -20.27 -13.87 -9.09
CA HIS A 141 -19.82 -15.15 -8.60
C HIS A 141 -21.03 -16.06 -8.41
N PRO A 142 -21.00 -17.29 -8.96
CA PRO A 142 -19.87 -17.88 -9.67
C PRO A 142 -19.88 -17.72 -11.19
N ASP A 143 -20.87 -17.00 -11.75
CA ASP A 143 -21.03 -17.00 -13.20
C ASP A 143 -19.86 -16.29 -13.90
N TRP A 144 -19.56 -15.05 -13.50
CA TRP A 144 -18.49 -14.32 -14.16
C TRP A 144 -17.13 -14.93 -13.84
N THR A 145 -16.87 -15.23 -12.56
CA THR A 145 -15.59 -15.80 -12.16
C THR A 145 -15.36 -17.19 -12.76
N GLY A 146 -16.43 -17.93 -13.01
CA GLY A 146 -16.32 -19.31 -13.43
C GLY A 146 -16.17 -19.57 -14.90
N ASN A 147 -16.13 -18.54 -15.75
CA ASN A 147 -16.00 -18.72 -17.18
C ASN A 147 -14.92 -17.80 -17.72
N ASP A 148 -13.91 -18.38 -18.37
CA ASP A 148 -12.73 -17.62 -18.80
C ASP A 148 -13.03 -16.68 -19.95
N ALA A 149 -14.22 -16.73 -20.54
CA ALA A 149 -14.60 -15.78 -21.57
C ALA A 149 -14.97 -14.41 -20.98
N PHE A 150 -15.25 -14.35 -19.69
CA PHE A 150 -15.60 -13.09 -19.06
C PHE A 150 -14.34 -12.41 -18.53
N PRO A 151 -13.98 -11.24 -19.04
CA PRO A 151 -12.67 -10.66 -18.70
C PRO A 151 -12.61 -10.21 -17.25
N MET A 152 -11.50 -10.55 -16.60
CA MET A 152 -11.21 -10.11 -15.24
C MET A 152 -9.80 -9.55 -15.19
N ASP A 153 -9.51 -8.85 -14.09
CA ASP A 153 -8.21 -8.23 -13.89
C ASP A 153 -7.85 -8.34 -12.42
N ARG A 154 -6.55 -8.22 -12.12
CA ARG A 154 -6.11 -8.32 -10.73
C ARG A 154 -4.76 -7.65 -10.58
N LEU A 155 -4.44 -7.30 -9.34
CA LEU A 155 -3.11 -6.78 -9.00
C LEU A 155 -2.10 -7.91 -9.10
N GLU A 156 -1.12 -7.76 -10.00
CA GLU A 156 -0.32 -8.90 -10.43
C GLU A 156 0.35 -9.62 -9.25
N GLN A 157 0.89 -8.87 -8.30
CA GLN A 157 1.55 -9.48 -7.15
C GLN A 157 0.73 -9.30 -5.89
N TYR A 158 -0.59 -9.55 -5.99
CA TYR A 158 -1.48 -9.27 -4.88
C TYR A 158 -1.16 -10.07 -3.63
N ASN A 159 -0.50 -11.22 -3.76
CA ASN A 159 -0.30 -12.08 -2.59
C ASN A 159 0.75 -11.53 -1.62
N ARG A 160 1.47 -10.48 -2.00
CA ARG A 160 2.35 -9.79 -1.06
C ARG A 160 1.59 -8.82 -0.16
N LEU A 161 0.37 -8.45 -0.54
CA LEU A 161 -0.47 -7.51 0.21
C LEU A 161 -1.64 -8.31 0.78
N VAL A 162 -1.51 -8.74 2.03
CA VAL A 162 -2.40 -9.76 2.58
C VAL A 162 -3.57 -9.13 3.34
N PRO A 163 -4.75 -9.75 3.32
CA PRO A 163 -5.85 -9.30 4.17
C PRO A 163 -5.74 -9.86 5.58
N ALA A 164 -6.53 -9.26 6.47
CA ALA A 164 -6.48 -9.67 7.88
C ALA A 164 -6.87 -11.13 8.06
N GLU A 165 -7.79 -11.64 7.24
CA GLU A 165 -8.20 -13.03 7.37
C GLU A 165 -7.06 -13.99 7.07
N TRP A 166 -6.19 -13.63 6.12
CA TRP A 166 -5.03 -14.46 5.81
C TRP A 166 -4.07 -14.54 6.99
N VAL A 167 -3.81 -13.39 7.63
CA VAL A 167 -2.93 -13.36 8.79
C VAL A 167 -3.53 -14.16 9.94
N ASN A 168 -4.85 -14.06 10.12
CA ASN A 168 -5.49 -14.80 11.20
C ASN A 168 -5.38 -16.31 10.99
N GLY A 169 -5.61 -16.77 9.76
CA GLY A 169 -5.38 -18.18 9.47
C GLY A 169 -3.94 -18.59 9.66
N LEU A 170 -3.00 -17.70 9.31
CA LEU A 170 -1.58 -17.99 9.45
C LEU A 170 -1.23 -18.22 10.92
N ILE A 171 -1.59 -17.28 11.79
CA ILE A 171 -1.22 -17.41 13.20
C ILE A 171 -2.03 -18.51 13.88
N SER A 172 -3.16 -18.91 13.32
CA SER A 172 -3.95 -20.00 13.86
C SER A 172 -3.51 -21.36 13.32
N GLY A 173 -2.48 -21.41 12.47
CA GLY A 173 -2.02 -22.67 11.93
C GLY A 173 -2.99 -23.35 11.00
N GLU A 174 -3.87 -22.59 10.35
CA GLU A 174 -4.87 -23.14 9.45
C GLU A 174 -4.41 -23.03 8.00
N GLU A 175 -4.99 -23.88 7.16
CA GLU A 175 -4.68 -23.86 5.73
C GLU A 175 -5.14 -22.55 5.12
N ILE A 176 -4.21 -21.83 4.49
CA ILE A 176 -4.52 -20.55 3.85
C ILE A 176 -3.95 -20.57 2.44
N PRO A 177 -4.54 -19.84 1.50
CA PRO A 177 -3.98 -19.79 0.15
C PRO A 177 -2.72 -18.94 0.11
N GLU A 178 -2.00 -19.05 -1.01
CA GLU A 178 -0.81 -18.24 -1.27
C GLU A 178 0.20 -18.37 -0.14
N TYR A 179 0.33 -19.58 0.42
CA TYR A 179 1.27 -19.81 1.51
C TYR A 179 1.69 -21.26 1.51
N ASP A 180 2.97 -21.52 1.25
CA ASP A 180 3.51 -22.88 1.23
C ASP A 180 4.75 -23.01 2.12
N ASN A 181 4.87 -22.16 3.14
CA ASN A 181 6.02 -22.16 4.03
C ASN A 181 5.65 -22.85 5.35
N ASP A 182 6.67 -23.09 6.17
CA ASP A 182 6.48 -23.65 7.51
C ASP A 182 7.06 -22.75 8.60
N THR A 183 7.53 -21.55 8.26
CA THR A 183 8.14 -20.65 9.22
C THR A 183 7.67 -19.23 8.93
N PHE A 184 7.14 -18.56 9.94
CA PHE A 184 6.62 -17.20 9.78
C PHE A 184 6.89 -16.40 11.03
N ILE A 185 6.80 -15.08 10.87
CA ILE A 185 6.79 -14.16 12.00
C ILE A 185 5.95 -12.94 11.62
N VAL A 186 5.06 -12.54 12.52
CA VAL A 186 4.29 -11.31 12.36
C VAL A 186 5.02 -10.22 13.13
N CYS A 187 5.34 -9.13 12.43
CA CYS A 187 6.20 -8.08 12.97
CA CYS A 187 6.21 -8.08 12.96
C CYS A 187 5.45 -6.76 12.97
N HIS A 188 5.34 -6.15 14.16
CA HIS A 188 4.68 -4.87 14.35
C HIS A 188 5.73 -3.77 14.33
N ALA A 189 5.76 -2.98 13.26
CA ALA A 189 6.78 -1.96 13.10
C ALA A 189 6.39 -0.67 13.81
N HIS A 190 7.40 0.06 14.27
CA HIS A 190 7.22 1.37 14.87
C HIS A 190 8.56 2.08 14.89
N TYR A 191 8.52 3.40 15.05
CA TYR A 191 9.70 4.23 15.18
C TYR A 191 9.77 4.73 16.63
N ARG A 192 10.73 4.19 17.38
CA ARG A 192 10.97 4.50 18.79
C ARG A 192 9.69 4.75 19.57
N ASN A 193 8.74 3.81 19.44
CA ASN A 193 7.43 3.96 20.07
C ASN A 193 6.87 2.57 20.37
N ARG A 194 7.46 1.91 21.37
CA ARG A 194 6.99 0.59 21.77
C ARG A 194 5.53 0.63 22.25
N ASP A 195 5.05 1.79 22.69
CA ASP A 195 3.65 1.92 23.07
C ASP A 195 2.72 1.59 21.91
N ALA A 196 3.13 1.89 20.68
CA ALA A 196 2.31 1.53 19.52
C ALA A 196 2.03 0.04 19.47
N TYR A 197 2.98 -0.78 19.94
CA TYR A 197 2.83 -2.22 20.01
C TYR A 197 2.16 -2.65 21.32
N LEU A 198 2.58 -2.07 22.44
CA LEU A 198 2.07 -2.51 23.74
C LEU A 198 0.61 -2.11 23.95
N SER A 199 0.15 -1.04 23.29
CA SER A 199 -1.25 -0.64 23.43
C SER A 199 -2.21 -1.55 22.68
N GLY A 200 -1.71 -2.54 21.95
CA GLY A 200 -2.57 -3.46 21.20
C GLY A 200 -1.93 -3.92 19.92
N HIS A 201 -1.84 -5.23 19.72
CA HIS A 201 -1.15 -5.79 18.58
C HIS A 201 -1.75 -7.14 18.21
N ILE A 202 -1.37 -7.63 17.04
CA ILE A 202 -1.86 -8.94 16.58
C ILE A 202 -1.30 -10.03 17.49
N PRO A 203 -2.12 -10.99 17.92
CA PRO A 203 -1.63 -12.01 18.87
C PRO A 203 -0.39 -12.72 18.36
N GLY A 204 0.60 -12.87 19.25
CA GLY A 204 1.85 -13.51 18.91
C GLY A 204 2.87 -12.62 18.24
N ALA A 205 2.42 -11.50 17.70
CA ALA A 205 3.35 -10.57 17.02
C ALA A 205 4.41 -10.02 17.98
N THR A 206 5.58 -9.75 17.45
CA THR A 206 6.72 -9.12 18.15
C THR A 206 6.96 -7.75 17.51
N ASP A 207 7.51 -6.81 18.25
CA ASP A 207 7.70 -5.45 17.71
C ASP A 207 9.10 -5.29 17.14
N MET A 208 9.23 -4.49 16.10
CA MET A 208 10.55 -4.12 15.53
C MET A 208 10.60 -2.60 15.40
N ASP A 209 11.50 -2.00 16.14
CA ASP A 209 11.75 -0.56 16.01
C ASP A 209 12.43 -0.39 14.65
N THR A 210 12.06 0.64 13.89
CA THR A 210 12.68 0.97 12.57
C THR A 210 14.18 1.26 12.71
N LEU A 211 14.63 1.75 13.86
CA LEU A 211 16.05 1.97 14.20
C LEU A 211 16.86 0.65 14.14
N ALA A 212 16.25 -0.52 14.31
CA ALA A 212 16.96 -1.79 14.15
C ALA A 212 17.52 -1.95 12.73
N LEU A 213 16.86 -1.40 11.72
CA LEU A 213 17.28 -1.67 10.35
C LEU A 213 17.81 -0.44 9.62
N GLU A 214 17.60 0.77 10.14
CA GLU A 214 18.13 1.98 9.52
C GLU A 214 18.84 2.82 10.57
N SER A 215 19.83 3.59 10.11
CA SER A 215 20.76 4.35 10.94
C SER A 215 20.22 5.74 11.21
N PRO A 216 20.22 6.20 12.47
CA PRO A 216 19.80 7.58 12.75
C PRO A 216 20.78 8.63 12.25
N GLU A 217 21.99 8.24 11.84
CA GLU A 217 22.96 9.22 11.35
C GLU A 217 22.67 9.62 9.91
N THR A 218 22.33 8.63 9.06
CA THR A 218 22.06 8.86 7.66
C THR A 218 20.60 8.67 7.27
N TRP A 219 19.82 8.01 8.13
CA TRP A 219 18.46 7.57 7.79
C TRP A 219 18.45 6.72 6.52
N ASN A 220 19.56 6.01 6.29
CA ASN A 220 19.63 4.98 5.28
C ASN A 220 19.65 3.61 5.97
N ARG A 221 19.39 2.58 5.16
CA ARG A 221 19.52 1.20 5.63
C ARG A 221 20.89 0.98 6.26
N ARG A 222 20.93 0.12 7.28
CA ARG A 222 22.18 -0.19 7.94
C ARG A 222 23.05 -1.08 7.06
N THR A 223 24.30 -1.25 7.46
CA THR A 223 25.26 -2.07 6.73
C THR A 223 24.84 -3.54 6.77
N PRO A 224 25.35 -4.36 5.84
CA PRO A 224 24.92 -5.77 5.82
C PRO A 224 25.14 -6.50 7.13
N GLU A 225 26.26 -6.25 7.80
CA GLU A 225 26.57 -6.96 9.03
C GLU A 225 25.60 -6.58 10.14
N GLU A 226 25.16 -5.32 10.17
CA GLU A 226 24.15 -4.92 11.16
C GLU A 226 22.81 -5.54 10.84
N LEU A 227 22.42 -5.56 9.56
CA LEU A 227 21.13 -6.15 9.19
C LEU A 227 21.07 -7.63 9.51
N LYS A 228 22.19 -8.33 9.30
CA LYS A 228 22.24 -9.76 9.64
C LYS A 228 21.98 -9.97 11.13
N LYS A 229 22.71 -9.24 11.98
CA LYS A 229 22.52 -9.38 13.42
C LYS A 229 21.11 -8.98 13.83
N ALA A 230 20.63 -7.83 13.33
CA ALA A 230 19.31 -7.35 13.73
C ALA A 230 18.22 -8.35 13.36
N LEU A 231 18.24 -8.85 12.13
CA LEU A 231 17.22 -9.81 11.70
C LEU A 231 17.29 -11.08 12.53
N GLU A 232 18.50 -11.57 12.80
CA GLU A 232 18.65 -12.77 13.62
C GLU A 232 18.13 -12.55 15.03
N GLU A 233 18.42 -11.38 15.62
CA GLU A 233 17.97 -11.09 16.97
C GLU A 233 16.46 -10.94 17.06
N HIS A 234 15.80 -10.64 15.94
CA HIS A 234 14.35 -10.60 15.90
C HIS A 234 13.74 -11.91 15.43
N GLY A 235 14.55 -12.93 15.21
CA GLY A 235 14.04 -14.24 14.87
C GLY A 235 13.73 -14.45 13.40
N ILE A 236 14.40 -13.73 12.50
CA ILE A 236 14.08 -13.75 11.08
C ILE A 236 15.24 -14.37 10.33
N THR A 237 14.94 -15.39 9.52
CA THR A 237 15.87 -15.94 8.54
C THR A 237 15.41 -15.57 7.15
N ALA A 238 16.30 -15.75 6.18
CA ALA A 238 15.97 -15.46 4.79
C ALA A 238 14.77 -16.27 4.30
N SER A 239 14.54 -17.45 4.88
CA SER A 239 13.45 -18.32 4.48
C SER A 239 12.23 -18.20 5.39
N THR A 240 12.20 -17.18 6.26
CA THR A 240 11.07 -16.93 7.12
C THR A 240 10.08 -16.02 6.42
N THR A 241 8.81 -16.42 6.39
CA THR A 241 7.76 -15.53 5.90
C THR A 241 7.52 -14.44 6.94
N VAL A 242 7.81 -13.19 6.57
CA VAL A 242 7.66 -12.06 7.48
C VAL A 242 6.41 -11.29 7.07
N VAL A 243 5.49 -11.11 8.01
CA VAL A 243 4.26 -10.36 7.81
C VAL A 243 4.41 -9.05 8.59
N LEU A 244 4.54 -7.94 7.88
CA LEU A 244 4.77 -6.64 8.49
C LEU A 244 3.48 -5.81 8.51
N TYR A 245 3.31 -5.04 9.59
CA TYR A 245 2.21 -4.11 9.72
C TYR A 245 2.59 -3.05 10.74
N GLY A 246 1.92 -1.89 10.66
CA GLY A 246 2.12 -0.83 11.62
C GLY A 246 0.78 -0.25 12.05
N LYS A 247 0.83 0.61 13.06
CA LYS A 247 -0.36 1.26 13.61
C LYS A 247 -0.31 2.76 13.30
N PHE A 248 -1.36 3.23 12.63
CA PHE A 248 -1.54 4.66 12.39
C PHE A 248 -2.08 5.32 13.65
N MET A 249 -1.38 6.33 14.15
CA MET A 249 -1.76 6.97 15.40
C MET A 249 -1.88 8.48 15.25
N HIS A 250 -2.30 8.94 14.06
CA HIS A 250 -2.57 10.34 13.75
C HIS A 250 -1.33 11.21 13.99
N PRO A 251 -0.34 11.15 13.11
CA PRO A 251 0.86 11.97 13.28
C PRO A 251 0.51 13.45 13.36
N ASP A 252 1.28 14.17 14.18
CA ASP A 252 1.10 15.60 14.38
C ASP A 252 2.46 16.27 14.19
N ASN A 253 2.52 17.25 13.29
CA ASN A 253 3.77 17.96 13.04
C ASN A 253 4.30 18.68 14.29
N ALA A 254 3.42 18.98 15.24
CA ALA A 254 3.87 19.64 16.46
C ALA A 254 4.66 18.72 17.38
N ASP A 255 4.59 17.41 17.17
CA ASP A 255 5.33 16.48 18.01
C ASP A 255 6.79 16.41 17.57
N GLU A 256 7.65 15.99 18.50
CA GLU A 256 9.07 15.90 18.20
C GLU A 256 9.36 14.78 17.21
N PHE A 257 8.62 13.67 17.32
CA PHE A 257 8.79 12.51 16.45
C PHE A 257 7.44 12.12 15.89
N PRO A 258 6.92 12.86 14.90
CA PRO A 258 5.64 12.48 14.30
C PRO A 258 5.68 11.12 13.63
N GLY A 259 6.85 10.64 13.23
CA GLY A 259 6.97 9.32 12.63
C GLY A 259 6.63 8.19 13.56
N SER A 260 6.69 8.42 14.87
CA SER A 260 6.26 7.42 15.83
C SER A 260 4.78 7.09 15.72
N ALA A 261 4.01 7.92 15.02
CA ALA A 261 2.59 7.68 14.81
C ALA A 261 2.26 7.15 13.41
N ALA A 262 3.23 7.19 12.50
CA ALA A 262 3.04 6.67 11.14
C ALA A 262 3.58 5.25 11.03
N GLY A 263 3.00 4.37 11.85
CA GLY A 263 3.53 3.02 11.98
C GLY A 263 3.50 2.21 10.70
N HIS A 264 2.47 2.39 9.87
CA HIS A 264 2.35 1.52 8.71
C HIS A 264 3.25 1.95 7.56
N ILE A 265 3.56 3.25 7.43
CA ILE A 265 4.65 3.64 6.54
C ILE A 265 5.93 2.96 6.99
N GLY A 266 6.20 2.98 8.29
CA GLY A 266 7.37 2.31 8.82
C GLY A 266 7.38 0.83 8.49
N ALA A 267 6.22 0.18 8.54
CA ALA A 267 6.14 -1.24 8.19
C ALA A 267 6.55 -1.47 6.75
N ILE A 268 6.06 -0.64 5.83
CA ILE A 268 6.44 -0.82 4.44
C ILE A 268 7.89 -0.43 4.22
N ARG A 269 8.37 0.57 4.96
CA ARG A 269 9.80 0.88 4.95
C ARG A 269 10.63 -0.33 5.35
N LEU A 270 10.22 -1.02 6.42
CA LEU A 270 10.95 -2.22 6.85
C LEU A 270 10.77 -3.36 5.86
N ALA A 271 9.61 -3.44 5.19
CA ALA A 271 9.44 -4.44 4.15
C ALA A 271 10.44 -4.21 3.02
N PHE A 272 10.67 -2.94 2.65
CA PHE A 272 11.67 -2.64 1.64
C PHE A 272 13.05 -3.12 2.06
N ILE A 273 13.46 -2.79 3.30
CA ILE A 273 14.80 -3.14 3.75
C ILE A 273 14.97 -4.65 3.82
N MET A 274 13.94 -5.35 4.32
CA MET A 274 14.03 -6.81 4.44
C MET A 274 14.13 -7.47 3.08
N MET A 275 13.32 -7.03 2.12
CA MET A 275 13.41 -7.60 0.77
C MET A 275 14.77 -7.29 0.14
N TYR A 276 15.25 -6.06 0.32
CA TYR A 276 16.61 -5.71 -0.10
C TYR A 276 17.64 -6.62 0.56
N ALA A 277 17.48 -6.86 1.88
CA ALA A 277 18.45 -7.68 2.60
C ALA A 277 18.48 -9.11 2.08
N GLY A 278 17.30 -9.71 1.86
CA GLY A 278 17.27 -11.06 1.33
C GLY A 278 16.16 -11.94 1.88
N VAL A 279 15.23 -11.38 2.66
CA VAL A 279 14.07 -12.15 3.09
C VAL A 279 13.22 -12.45 1.87
N GLU A 280 13.06 -13.74 1.54
CA GLU A 280 12.47 -14.12 0.27
C GLU A 280 10.97 -13.83 0.21
N ASP A 281 10.27 -14.04 1.32
CA ASP A 281 8.80 -13.92 1.37
C ASP A 281 8.42 -12.87 2.41
N VAL A 282 8.18 -11.65 1.96
CA VAL A 282 7.73 -10.55 2.81
C VAL A 282 6.31 -10.19 2.42
N ARG A 283 5.42 -10.15 3.41
CA ARG A 283 4.05 -9.70 3.21
C ARG A 283 3.81 -8.42 4.00
N VAL A 284 2.85 -7.62 3.54
CA VAL A 284 2.37 -6.46 4.26
C VAL A 284 0.87 -6.63 4.47
N LEU A 285 0.44 -6.48 5.72
CA LEU A 285 -0.99 -6.49 6.02
C LEU A 285 -1.64 -5.23 5.44
N ASN A 286 -2.56 -5.42 4.50
CA ASN A 286 -3.16 -4.29 3.81
C ASN A 286 -3.97 -3.44 4.78
N GLY A 287 -3.58 -2.17 4.92
CA GLY A 287 -4.25 -1.27 5.84
C GLY A 287 -3.71 -1.29 7.25
N GLY A 288 -2.75 -2.16 7.55
CA GLY A 288 -2.10 -2.14 8.85
C GLY A 288 -3.01 -2.61 9.98
N TYR A 289 -2.76 -2.06 11.16
CA TYR A 289 -3.48 -2.50 12.36
C TYR A 289 -4.99 -2.28 12.22
N GLN A 290 -5.40 -1.19 11.56
CA GLN A 290 -6.83 -0.91 11.48
C GLN A 290 -7.59 -2.02 10.77
N SER A 291 -6.97 -2.67 9.78
CA SER A 291 -7.64 -3.78 9.12
C SER A 291 -7.82 -4.97 10.05
N TRP A 292 -6.89 -5.16 11.00
CA TRP A 292 -7.04 -6.26 11.95
C TRP A 292 -8.22 -6.04 12.88
N THR A 293 -8.37 -4.82 13.41
CA THR A 293 -9.49 -4.55 14.30
C THR A 293 -10.80 -4.35 13.55
N ASP A 294 -10.74 -3.82 12.32
CA ASP A 294 -11.95 -3.70 11.51
C ASP A 294 -12.57 -5.06 11.22
N ALA A 295 -11.74 -6.11 11.13
CA ALA A 295 -12.24 -7.45 10.91
C ALA A 295 -12.82 -8.10 12.17
N GLY A 296 -12.70 -7.44 13.32
CA GLY A 296 -13.25 -7.96 14.55
C GLY A 296 -12.39 -9.01 15.24
N PHE A 297 -11.10 -9.07 14.92
CA PHE A 297 -10.24 -10.08 15.51
C PHE A 297 -9.72 -9.61 16.87
N ALA A 298 -9.37 -10.57 17.72
CA ALA A 298 -8.86 -10.26 19.05
C ALA A 298 -7.47 -9.66 18.96
N ILE A 299 -7.18 -8.74 19.88
CA ILE A 299 -5.88 -8.12 19.98
C ILE A 299 -5.22 -8.54 21.29
N SER A 300 -3.89 -8.42 21.32
CA SER A 300 -3.10 -8.78 22.49
C SER A 300 -2.30 -7.57 22.96
N LYS A 301 -2.06 -7.53 24.27
CA LYS A 301 -1.20 -6.53 24.87
C LYS A 301 0.03 -7.16 25.54
N ASP A 302 0.25 -8.45 25.34
CA ASP A 302 1.45 -9.09 25.87
C ASP A 302 2.70 -8.50 25.23
N ASP A 303 3.76 -8.38 26.02
CA ASP A 303 5.07 -8.03 25.49
C ASP A 303 5.76 -9.34 25.15
N VAL A 304 5.57 -9.78 23.90
CA VAL A 304 6.07 -11.09 23.47
C VAL A 304 7.58 -11.05 23.39
N PRO A 305 8.29 -11.94 24.10
CA PRO A 305 9.75 -11.99 23.97
C PRO A 305 10.16 -12.47 22.60
N LYS A 306 11.37 -12.10 22.21
CA LYS A 306 11.92 -12.51 20.93
C LYS A 306 12.43 -13.95 21.00
N THR A 307 12.24 -14.68 19.91
CA THR A 307 12.83 -16.01 19.72
C THR A 307 13.90 -15.85 18.65
N THR A 308 15.14 -15.59 19.07
CA THR A 308 16.21 -15.33 18.13
C THR A 308 16.53 -16.59 17.32
N VAL A 309 17.20 -16.37 16.18
CA VAL A 309 17.70 -17.46 15.35
C VAL A 309 19.21 -17.25 15.20
N PRO A 310 19.99 -18.31 15.00
CA PRO A 310 21.46 -18.15 14.97
C PRO A 310 22.02 -17.63 13.66
N GLU A 311 21.44 -18.03 12.52
CA GLU A 311 21.99 -17.70 11.22
CA GLU A 311 21.98 -17.71 11.21
C GLU A 311 20.88 -17.22 10.28
N PHE A 312 21.10 -16.07 9.64
CA PHE A 312 20.14 -15.54 8.70
C PHE A 312 19.98 -16.48 7.49
N GLY A 313 21.08 -17.02 6.99
CA GLY A 313 21.03 -18.06 6.00
C GLY A 313 21.21 -17.64 4.55
N ALA A 314 21.53 -16.38 4.29
CA ALA A 314 21.72 -15.91 2.92
C ALA A 314 22.63 -14.70 2.95
N PRO A 315 23.36 -14.43 1.86
CA PRO A 315 24.17 -13.22 1.81
C PRO A 315 23.30 -11.98 1.83
N ILE A 316 23.78 -10.93 2.48
CA ILE A 316 23.08 -9.66 2.59
C ILE A 316 23.95 -8.60 1.92
N PRO A 317 23.41 -7.82 0.97
CA PRO A 317 22.03 -7.92 0.49
C PRO A 317 21.86 -8.89 -0.68
N SER A 318 20.77 -9.65 -0.68
CA SER A 318 20.46 -10.54 -1.80
C SER A 318 19.82 -9.81 -2.97
N ARG A 319 19.15 -8.68 -2.72
CA ARG A 319 18.48 -7.91 -3.77
C ARG A 319 18.96 -6.46 -3.71
N PRO A 320 20.25 -6.22 -3.99
CA PRO A 320 20.76 -4.84 -3.89
C PRO A 320 20.13 -3.90 -4.90
N GLU A 321 19.63 -4.42 -6.03
CA GLU A 321 19.02 -3.57 -7.04
C GLU A 321 17.77 -2.87 -6.53
N PHE A 322 17.19 -3.32 -5.41
CA PHE A 322 16.07 -2.61 -4.82
C PHE A 322 16.47 -1.23 -4.30
N ALA A 323 17.73 -1.06 -3.89
CA ALA A 323 18.20 0.19 -3.31
C ALA A 323 19.07 0.95 -4.30
N VAL A 324 18.89 2.26 -4.34
CA VAL A 324 19.69 3.16 -5.16
C VAL A 324 20.31 4.21 -4.24
N ASP A 325 21.59 4.51 -4.47
CA ASP A 325 22.30 5.53 -3.71
C ASP A 325 22.61 6.72 -4.60
N ILE A 326 23.24 7.75 -4.01
CA ILE A 326 23.19 9.08 -4.62
C ILE A 326 23.95 9.14 -5.95
N ASP A 327 25.03 8.37 -6.09
CA ASP A 327 25.77 8.39 -7.35
C ASP A 327 24.96 7.79 -8.48
N GLU A 328 24.29 6.67 -8.23
CA GLU A 328 23.42 6.10 -9.27
C GLU A 328 22.21 6.99 -9.52
N ALA A 329 21.68 7.62 -8.46
CA ALA A 329 20.55 8.52 -8.64
C ALA A 329 20.91 9.68 -9.53
N LYS A 330 22.14 10.21 -9.40
CA LYS A 330 22.58 11.28 -10.29
C LYS A 330 22.67 10.78 -11.73
N GLU A 331 23.09 9.53 -11.93
CA GLU A 331 23.10 8.95 -13.27
C GLU A 331 21.70 8.81 -13.81
N MET A 332 20.75 8.40 -12.97
CA MET A 332 19.37 8.21 -13.43
C MET A 332 18.74 9.52 -13.87
N LEU A 333 19.16 10.64 -13.29
CA LEU A 333 18.69 11.94 -13.74
C LEU A 333 19.22 12.29 -15.13
N GLN A 334 20.31 11.65 -15.57
CA GLN A 334 20.91 11.91 -16.87
C GLN A 334 20.55 10.87 -17.91
N SER A 335 19.67 9.91 -17.57
CA SER A 335 19.38 8.80 -18.46
C SER A 335 17.97 8.93 -19.01
N GLU A 336 17.79 8.42 -20.24
CA GLU A 336 16.50 8.49 -20.90
C GLU A 336 15.50 7.52 -20.29
N ASP A 337 15.95 6.31 -19.93
CA ASP A 337 15.06 5.27 -19.45
C ASP A 337 15.05 5.17 -17.92
N SER A 338 15.47 6.23 -17.22
CA SER A 338 15.50 6.23 -15.76
C SER A 338 14.96 7.56 -15.25
N ASP A 339 14.37 7.51 -14.05
CA ASP A 339 13.89 8.73 -13.41
C ASP A 339 13.85 8.53 -11.90
N LEU A 340 14.01 9.64 -11.18
CA LEU A 340 13.72 9.69 -9.76
C LEU A 340 12.29 10.19 -9.60
N VAL A 341 11.56 9.59 -8.65
CA VAL A 341 10.17 9.92 -8.40
C VAL A 341 10.10 10.53 -7.01
N CYS A 342 9.78 11.82 -6.94
CA CYS A 342 9.75 12.57 -5.69
C CYS A 342 8.40 12.36 -5.02
N VAL A 343 8.38 11.56 -3.96
CA VAL A 343 7.15 11.28 -3.23
C VAL A 343 7.11 12.12 -1.96
N ARG A 344 7.04 13.43 -2.14
CA ARG A 344 6.95 14.36 -1.02
C ARG A 344 5.67 15.17 -1.12
N SER A 345 5.45 16.03 -0.14
CA SER A 345 4.28 16.90 -0.20
C SER A 345 4.57 18.11 -1.06
N TYR A 346 3.49 18.77 -1.50
CA TYR A 346 3.67 19.95 -2.35
C TYR A 346 4.40 21.09 -1.65
N PRO A 347 4.13 21.43 -0.38
CA PRO A 347 4.94 22.46 0.27
C PRO A 347 6.43 22.12 0.34
N GLU A 348 6.77 20.84 0.49
CA GLU A 348 8.18 20.45 0.40
C GLU A 348 8.71 20.67 -1.00
N TYR A 349 7.92 20.32 -2.01
CA TYR A 349 8.39 20.35 -3.39
C TYR A 349 8.73 21.78 -3.83
N ILE A 350 7.92 22.76 -3.42
CA ILE A 350 8.17 24.14 -3.79
C ILE A 350 9.11 24.85 -2.82
N GLY A 351 9.66 24.14 -1.84
CA GLY A 351 10.62 24.75 -0.94
C GLY A 351 10.01 25.65 0.12
N GLU A 352 8.72 25.51 0.39
CA GLU A 352 8.09 26.29 1.45
C GLU A 352 8.46 25.75 2.84
N VAL A 353 8.45 24.42 2.99
CA VAL A 353 8.91 23.77 4.21
C VAL A 353 9.90 22.69 3.84
N SER A 354 10.67 22.26 4.83
CA SER A 354 11.52 21.08 4.67
C SER A 354 10.73 19.79 4.88
N GLY A 355 9.63 19.85 5.62
CA GLY A 355 8.84 18.69 5.96
C GLY A 355 9.25 18.00 7.24
N TYR A 356 10.35 18.43 7.88
CA TYR A 356 10.91 17.77 9.04
C TYR A 356 11.46 18.80 10.00
N ASN A 357 11.39 18.48 11.30
CA ASN A 357 11.96 19.39 12.29
C ASN A 357 13.46 19.23 12.44
N TYR A 358 14.07 18.22 11.81
CA TYR A 358 15.50 18.00 11.87
C TYR A 358 16.19 18.27 10.54
N ILE A 359 15.47 18.82 9.57
CA ILE A 359 16.06 19.25 8.30
C ILE A 359 15.76 20.73 8.15
N LYS A 360 16.81 21.51 7.91
CA LYS A 360 16.68 22.96 7.72
C LYS A 360 16.63 23.36 6.26
N LYS A 361 17.38 22.66 5.40
CA LYS A 361 17.40 22.98 3.98
C LYS A 361 16.05 22.73 3.34
N LYS A 362 15.61 23.66 2.50
CA LYS A 362 14.35 23.56 1.79
C LYS A 362 14.59 23.63 0.29
N GLY A 363 13.93 22.76 -0.45
CA GLY A 363 14.09 22.71 -1.89
C GLY A 363 13.80 21.31 -2.41
N ARG A 364 14.23 21.08 -3.65
CA ARG A 364 13.91 19.84 -4.35
C ARG A 364 15.06 19.47 -5.27
N ILE A 365 15.14 18.18 -5.60
CA ILE A 365 16.15 17.65 -6.51
C ILE A 365 15.76 18.01 -7.94
N PRO A 366 16.63 18.68 -8.70
CA PRO A 366 16.28 19.07 -10.07
C PRO A 366 16.18 17.85 -10.98
N GLY A 367 15.12 17.83 -11.79
CA GLY A 367 14.93 16.76 -12.75
C GLY A 367 14.08 15.60 -12.28
N ALA A 368 13.64 15.60 -11.03
CA ALA A 368 12.82 14.50 -10.53
C ALA A 368 11.36 14.70 -10.91
N ILE A 369 10.65 13.59 -11.07
CA ILE A 369 9.22 13.62 -11.37
C ILE A 369 8.44 13.68 -10.07
N PHE A 370 7.58 14.68 -9.94
CA PHE A 370 6.82 14.87 -8.71
C PHE A 370 5.63 13.92 -8.67
N ALA A 371 5.45 13.24 -7.53
CA ALA A 371 4.31 12.35 -7.30
C ALA A 371 3.86 12.59 -5.85
N GLU A 372 3.09 13.66 -5.66
CA GLU A 372 2.65 14.15 -4.36
C GLU A 372 2.20 13.01 -3.46
N CYS A 373 2.83 12.90 -2.28
CA CYS A 373 2.50 11.83 -1.36
C CYS A 373 1.14 12.07 -0.70
N GLY A 374 0.89 13.30 -0.30
CA GLY A 374 -0.25 13.65 0.52
C GLY A 374 -0.03 15.03 1.13
N SER A 375 -0.61 15.22 2.32
CA SER A 375 -0.63 16.54 2.93
C SER A 375 0.72 16.95 3.50
N ASP A 376 1.45 16.04 4.11
CA ASP A 376 2.76 16.38 4.67
C ASP A 376 3.64 15.13 4.66
N ALA A 377 4.74 15.17 5.42
CA ALA A 377 5.71 14.09 5.40
C ALA A 377 5.22 12.83 6.08
N TYR A 378 4.15 12.89 6.86
CA TYR A 378 3.70 11.75 7.66
C TYR A 378 2.33 11.23 7.25
N HIS A 379 1.81 11.64 6.10
CA HIS A 379 0.52 11.19 5.60
C HIS A 379 0.65 10.84 4.12
N MET A 380 -0.02 9.74 3.72
CA MET A 380 0.05 9.25 2.35
C MET A 380 -1.33 9.23 1.70
N GLU A 381 -2.08 10.34 1.79
CA GLU A 381 -3.48 10.34 1.35
C GLU A 381 -3.61 9.94 -0.11
N ASN A 382 -2.66 10.36 -0.96
CA ASN A 382 -2.77 10.07 -2.38
C ASN A 382 -2.47 8.61 -2.71
N TYR A 383 -1.97 7.83 -1.76
CA TYR A 383 -1.69 6.42 -2.01
C TYR A 383 -2.52 5.49 -1.15
N ARG A 384 -3.44 6.01 -0.36
CA ARG A 384 -4.22 5.21 0.57
C ARG A 384 -5.69 5.57 0.48
N ASN A 385 -6.54 4.62 0.88
CA ASN A 385 -7.93 4.88 1.19
C ASN A 385 -8.06 5.40 2.62
N HIS A 386 -9.29 5.76 3.00
CA HIS A 386 -9.50 6.31 4.34
C HIS A 386 -9.19 5.30 5.43
N ASP A 387 -9.31 4.00 5.14
CA ASP A 387 -8.99 2.96 6.11
C ASP A 387 -7.54 2.50 6.02
N HIS A 388 -6.70 3.23 5.27
CA HIS A 388 -5.26 3.07 5.13
C HIS A 388 -4.88 1.90 4.22
N THR A 389 -5.84 1.17 3.67
CA THR A 389 -5.50 0.21 2.62
C THR A 389 -5.00 0.96 1.38
N THR A 390 -4.25 0.25 0.55
CA THR A 390 -3.66 0.90 -0.62
C THR A 390 -4.76 1.36 -1.57
N ARG A 391 -4.57 2.57 -2.10
CA ARG A 391 -5.50 3.12 -3.09
C ARG A 391 -5.62 2.18 -4.28
N GLU A 392 -6.83 2.13 -4.85
CA GLU A 392 -7.10 1.37 -6.07
C GLU A 392 -5.95 1.52 -7.05
N TYR A 393 -5.29 0.41 -7.38
CA TYR A 393 -4.01 0.49 -8.06
C TYR A 393 -4.15 1.08 -9.46
N HIS A 394 -5.32 0.92 -10.10
CA HIS A 394 -5.53 1.56 -11.40
C HIS A 394 -5.41 3.07 -11.29
N GLU A 395 -5.92 3.66 -10.20
CA GLU A 395 -5.82 5.11 -10.04
C GLU A 395 -4.38 5.54 -9.86
N ILE A 396 -3.61 4.80 -9.06
CA ILE A 396 -2.17 5.11 -8.92
C ILE A 396 -1.48 4.98 -10.26
N GLU A 397 -1.78 3.90 -11.00
CA GLU A 397 -1.13 3.65 -12.27
C GLU A 397 -1.44 4.74 -13.28
N ASP A 398 -2.70 5.19 -13.33
CA ASP A 398 -3.09 6.18 -14.33
C ASP A 398 -2.53 7.57 -13.99
N ILE A 399 -2.54 7.94 -12.71
CA ILE A 399 -1.97 9.23 -12.33
C ILE A 399 -0.47 9.25 -12.57
N TRP A 400 0.22 8.15 -12.24
CA TRP A 400 1.65 8.04 -12.53
C TRP A 400 1.93 8.20 -14.02
N ALA A 401 1.15 7.52 -14.86
CA ALA A 401 1.38 7.56 -16.30
C ALA A 401 1.25 8.97 -16.86
N LYS A 402 0.37 9.80 -16.28
CA LYS A 402 0.22 11.16 -16.75
C LYS A 402 1.50 11.97 -16.59
N SER A 403 2.38 11.58 -15.66
CA SER A 403 3.66 12.24 -15.46
C SER A 403 4.83 11.43 -16.00
N GLY A 404 4.56 10.40 -16.80
CA GLY A 404 5.63 9.60 -17.34
C GLY A 404 6.25 8.61 -16.37
N ILE A 405 5.56 8.29 -15.28
CA ILE A 405 6.00 7.27 -14.33
C ILE A 405 5.41 5.96 -14.82
N ILE A 406 6.21 5.20 -15.57
CA ILE A 406 5.73 4.01 -16.28
C ILE A 406 6.71 2.87 -16.09
N PRO A 407 6.23 1.62 -16.21
CA PRO A 407 7.09 0.47 -15.85
C PRO A 407 8.25 0.22 -16.80
N LYS A 408 8.25 0.79 -18.00
CA LYS A 408 9.38 0.56 -18.90
C LYS A 408 10.65 1.27 -18.43
N LYS A 409 10.54 2.18 -17.46
CA LYS A 409 11.69 2.88 -16.92
C LYS A 409 12.22 2.18 -15.68
N HIS A 410 13.48 2.45 -15.36
CA HIS A 410 14.03 2.14 -14.05
C HIS A 410 13.70 3.32 -13.15
N LEU A 411 12.81 3.11 -12.19
CA LEU A 411 12.34 4.18 -11.32
C LEU A 411 12.97 4.04 -9.94
N ALA A 412 13.43 5.16 -9.40
CA ALA A 412 13.92 5.22 -8.03
C ALA A 412 13.01 6.19 -7.26
N PHE A 413 12.12 5.62 -6.45
CA PHE A 413 11.26 6.43 -5.61
C PHE A 413 12.05 6.94 -4.41
N TYR A 414 11.80 8.18 -4.03
CA TYR A 414 12.47 8.76 -2.89
C TYR A 414 11.58 9.80 -2.24
N CSS A 415 12.04 10.35 -1.12
CA CSS A 415 11.29 11.33 -0.40
CB CSS A 415 10.17 10.75 0.47
SG CSS A 415 10.65 9.36 1.43
SD CSS A 415 10.25 9.92 3.43
C CSS A 415 12.27 12.09 0.48
O CSS A 415 13.37 12.50 0.09
N GLY A 416 11.87 12.26 1.73
CA GLY A 416 12.74 12.88 2.71
C GLY A 416 13.90 11.97 3.07
N VAL A 417 13.59 10.76 3.53
CA VAL A 417 14.59 9.87 4.12
C VAL A 417 14.35 8.43 3.67
N GLY A 418 13.36 8.21 2.82
CA GLY A 418 13.11 6.89 2.27
C GLY A 418 11.92 6.15 2.82
N TRP A 419 11.11 6.77 3.68
CA TRP A 419 9.92 6.10 4.18
C TRP A 419 8.79 6.13 3.15
N ARG A 420 8.34 7.34 2.79
CA ARG A 420 7.25 7.48 1.83
C ARG A 420 7.61 6.85 0.49
N GLY A 421 8.87 6.98 0.07
CA GLY A 421 9.30 6.36 -1.17
C GLY A 421 9.17 4.85 -1.14
N SER A 422 9.39 4.23 0.03
CA SER A 422 9.20 2.80 0.15
C SER A 422 7.75 2.40 -0.09
N GLU A 423 6.80 3.21 0.41
CA GLU A 423 5.40 2.87 0.22
C GLU A 423 4.98 3.05 -1.22
N ALA A 424 5.48 4.09 -1.89
CA ALA A 424 5.23 4.23 -3.32
C ALA A 424 5.87 3.07 -4.08
N TRP A 425 7.13 2.76 -3.75
CA TRP A 425 7.84 1.66 -4.42
C TRP A 425 7.11 0.34 -4.24
N PHE A 426 6.57 0.10 -3.04
CA PHE A 426 5.85 -1.15 -2.81
C PHE A 426 4.61 -1.24 -3.68
N ASN A 427 3.90 -0.12 -3.88
CA ASN A 427 2.74 -0.13 -4.75
C ASN A 427 3.11 -0.51 -6.19
N ALA A 428 4.23 0.03 -6.69
CA ALA A 428 4.68 -0.34 -8.03
C ALA A 428 5.12 -1.79 -8.07
N LEU A 429 5.81 -2.26 -7.03
CA LEU A 429 6.20 -3.67 -6.98
C LEU A 429 4.99 -4.58 -7.04
N LEU A 430 3.91 -4.21 -6.34
CA LEU A 430 2.69 -5.01 -6.36
C LEU A 430 2.10 -5.10 -7.75
N MET A 431 2.27 -4.06 -8.58
CA MET A 431 1.81 -4.08 -9.96
C MET A 431 2.71 -4.92 -10.86
N GLY A 432 3.79 -5.48 -10.33
CA GLY A 432 4.69 -6.28 -11.13
C GLY A 432 5.67 -5.49 -11.98
N TRP A 433 5.97 -4.25 -11.60
CA TRP A 433 6.90 -3.45 -12.40
C TRP A 433 8.30 -4.03 -12.28
N PRO A 434 9.04 -4.15 -13.40
CA PRO A 434 10.25 -4.98 -13.42
C PRO A 434 11.51 -4.33 -12.82
N ARG A 435 11.63 -3.00 -12.84
CA ARG A 435 12.81 -2.35 -12.24
C ARG A 435 12.37 -1.09 -11.51
N VAL A 436 11.95 -1.26 -10.27
CA VAL A 436 11.62 -0.17 -9.37
C VAL A 436 12.53 -0.25 -8.16
N SER A 437 13.03 0.90 -7.72
CA SER A 437 13.95 0.97 -6.60
C SER A 437 13.53 2.10 -5.68
N VAL A 438 14.22 2.21 -4.56
CA VAL A 438 14.12 3.34 -3.64
C VAL A 438 15.47 4.02 -3.59
N TYR A 439 15.52 5.31 -3.93
CA TYR A 439 16.72 6.09 -3.66
C TYR A 439 16.69 6.43 -2.18
N ASP A 440 17.52 5.72 -1.41
CA ASP A 440 17.44 5.75 0.05
C ASP A 440 17.72 7.14 0.61
N GLY A 441 18.79 7.78 0.14
CA GLY A 441 19.25 9.01 0.76
C GLY A 441 18.23 10.11 0.76
N GLY A 442 17.50 10.27 -0.35
CA GLY A 442 16.44 11.26 -0.45
C GLY A 442 16.93 12.69 -0.32
N TRP A 443 15.98 13.57 -0.02
CA TRP A 443 16.31 14.99 0.15
C TRP A 443 17.29 15.21 1.30
N PHE A 444 17.23 14.36 2.32
CA PHE A 444 18.14 14.49 3.46
C PHE A 444 19.59 14.39 3.01
N GLU A 445 19.95 13.29 2.34
CA GLU A 445 21.32 13.13 1.88
C GLU A 445 21.68 14.14 0.81
N TRP A 446 20.76 14.40 -0.13
CA TRP A 446 21.05 15.31 -1.23
C TRP A 446 21.39 16.71 -0.73
N SER A 447 20.54 17.26 0.15
CA SER A 447 20.74 18.61 0.64
C SER A 447 21.87 18.73 1.65
N ASN A 448 22.35 17.60 2.20
CA ASN A 448 23.48 17.66 3.14
C ASN A 448 24.81 17.94 2.44
N ASP A 449 24.86 17.81 1.12
CA ASP A 449 26.05 18.17 0.37
C ASP A 449 25.83 19.55 -0.25
N PRO A 450 26.50 20.60 0.22
CA PRO A 450 26.26 21.94 -0.33
C PRO A 450 26.66 22.08 -1.80
N GLU A 451 27.37 21.11 -2.37
CA GLU A 451 27.73 21.13 -3.77
C GLU A 451 26.58 20.69 -4.68
N ASN A 452 25.53 20.08 -4.14
CA ASN A 452 24.50 19.53 -5.00
C ASN A 452 23.52 20.62 -5.44
N PRO A 453 23.15 20.65 -6.71
CA PRO A 453 22.16 21.64 -7.16
C PRO A 453 20.79 21.33 -6.61
N TYR A 454 19.98 22.38 -6.45
CA TYR A 454 18.61 22.23 -5.99
C TYR A 454 17.78 23.37 -6.54
N GLU A 455 16.46 23.13 -6.62
CA GLU A 455 15.51 24.13 -7.07
C GLU A 455 14.59 24.50 -5.90
N THR A 456 13.91 25.64 -6.06
CA THR A 456 12.96 26.10 -5.06
C THR A 456 11.86 26.89 -5.75
N GLY A 457 10.78 27.12 -5.03
CA GLY A 457 9.67 27.90 -5.54
C GLY A 457 8.76 27.11 -6.46
N VAL A 458 7.63 27.73 -6.79
CA VAL A 458 6.65 27.11 -7.70
C VAL A 458 7.27 27.00 -9.09
N PRO A 459 7.27 25.81 -9.71
CA PRO A 459 7.90 25.58 -11.02
C PRO A 459 7.34 26.47 -12.13
CAA AVJ B . 13.31 9.78 11.39
CAB AVJ B . 13.63 8.27 9.44
CAC AVJ B . 11.96 7.65 11.14
OAH AVJ B . 10.84 11.84 10.39
OAL AVJ B . 10.00 10.01 11.37
CAM AVJ B . 8.14 9.29 8.10
CAP AVJ B . 10.54 8.70 8.88
NAR AVJ B . 9.77 10.23 7.03
NAT AVJ B . 7.57 10.11 7.12
CAX AVJ B . 10.72 10.65 10.55
CAY AVJ B . 9.51 9.38 8.04
CAZ AVJ B . 8.62 10.70 6.44
CBC AVJ B . 11.53 9.64 9.56
NBE AVJ B . 12.60 8.85 10.40
MG MG C . 17.22 7.14 3.72
MG MG D . -8.31 -3.90 -13.48
CL CL E . 0.91 5.04 8.84
CL CL F . 12.97 16.59 -3.77
C1 PEG G . 8.52 -15.75 -2.84
O1 PEG G . 8.95 -16.97 -3.46
C2 PEG G . 7.40 -16.06 -1.87
O2 PEG G . 6.19 -16.31 -2.58
C3 PEG G . 5.17 -16.83 -1.71
C4 PEG G . 3.83 -16.83 -2.45
O4 PEG G . 3.33 -18.17 -2.55
#